data_8CVC
#
_entry.id   8CVC
#
_cell.length_a   44.911
_cell.length_b   79.761
_cell.length_c   56.187
_cell.angle_alpha   90.000
_cell.angle_beta   111.054
_cell.angle_gamma   90.000
#
_symmetry.space_group_name_H-M   'P 1 21 1'
#
loop_
_entity.id
_entity.type
_entity.pdbx_description
1 polymer 'Hyoscyamine 6-beta-hydroxylase'
2 non-polymer 1,2-ETHANEDIOL
3 non-polymer 'SUCCINIC ACID'
4 non-polymer 'FORMIC ACID'
5 non-polymer '(1R,3S,5R,6S)-6-hydroxy-8-methyl-8-azabicyclo[3.2.1]octan-3-yl (2S)-3-hydroxy-2-phenylpropanoate'
6 non-polymer 'VANADIUM ION'
7 non-polymer 'OXYGEN ATOM'
8 non-polymer 'STRONTIUM ION'
9 water water
#
_entity_poly.entity_id   1
_entity_poly.type   'polypeptide(L)'
_entity_poly.pdbx_seq_one_letter_code
;MATLVSNWSTNNVSESFVAPLEKRAENDVPLGNDVPIIDLQQDHLVVVQQITKACQDFGLFQVINHGLPEKLMAETMDVC
KEFFALPAEEKEKLQPKGEPAKFELPLEQKAKLYVEGEQLSDEAFLYWKDTLAHGCHPLDEELVNSWPEKPATYREVVAK
YSVEVRKLTMRILDYICEGLGLKLGYFDNELSQIQMMLTNYYPPCPDPSSTLGSGGHYDGNLITLLQQNLPGLQQLIEDA
KWIAVEPIPTAFVVNLGLTLKVITNEKFEGSIHRVVTNPTRDRVSIATLIGPDYSCTIEPAKELLSQDNPPLYKPYSYAE
FGEIYLSDKSDYDAGVKPYKINAGGKGPGDGPGGSGGPRGGENLYFQSGHHHHHHHHGGRGGAAA
;
_entity_poly.pdbx_strand_id   A
#
loop_
_chem_comp.id
_chem_comp.type
_chem_comp.name
_chem_comp.formula
EDO non-polymer 1,2-ETHANEDIOL 'C2 H6 O2'
FMT non-polymer 'FORMIC ACID' 'C H2 O2'
O non-polymer 'OXYGEN ATOM' O
OVR non-polymer '(1R,3S,5R,6S)-6-hydroxy-8-methyl-8-azabicyclo[3.2.1]octan-3-yl (2S)-3-hydroxy-2-phenylpropanoate' 'C17 H23 N O4'
SIN non-polymer 'SUCCINIC ACID' 'C4 H6 O4'
SR non-polymer 'STRONTIUM ION' 'Sr 2'
V non-polymer 'VANADIUM ION' 'V 3'
#
# COMPACT_ATOMS: atom_id res chain seq x y z
N VAL A 13 -21.42 15.86 8.05
CA VAL A 13 -20.75 15.16 6.91
C VAL A 13 -21.82 14.76 5.87
N SER A 14 -21.53 15.02 4.59
CA SER A 14 -22.33 14.59 3.42
C SER A 14 -22.65 13.10 3.54
N GLU A 15 -23.88 12.70 3.18
CA GLU A 15 -24.38 11.30 3.23
C GLU A 15 -23.47 10.37 2.41
N SER A 16 -22.88 10.91 1.33
CA SER A 16 -21.95 10.20 0.41
C SER A 16 -20.83 9.49 1.17
N PHE A 17 -20.39 10.04 2.31
CA PHE A 17 -19.18 9.60 3.06
C PHE A 17 -19.56 8.74 4.28
N VAL A 18 -20.85 8.53 4.53
CA VAL A 18 -21.32 7.75 5.73
C VAL A 18 -21.11 6.25 5.46
N ALA A 19 -20.23 5.61 6.23
CA ALA A 19 -19.92 4.17 6.12
C ALA A 19 -21.06 3.35 6.71
N PRO A 20 -21.30 2.11 6.23
CA PRO A 20 -22.26 1.22 6.86
C PRO A 20 -21.91 1.04 8.35
N LEU A 21 -22.92 0.86 9.20
CA LEU A 21 -22.78 0.81 10.68
C LEU A 21 -21.62 -0.11 11.08
N GLU A 22 -21.53 -1.31 10.51
CA GLU A 22 -20.58 -2.37 10.95
C GLU A 22 -19.13 -2.00 10.59
N LYS A 23 -18.92 -1.09 9.64
CA LYS A 23 -17.56 -0.73 9.13
C LYS A 23 -17.02 0.51 9.86
N ARG A 24 -17.86 1.23 10.60
CA ARG A 24 -17.44 2.46 11.33
C ARG A 24 -16.41 2.07 12.39
N ALA A 25 -15.40 2.92 12.59
CA ALA A 25 -14.31 2.73 13.57
C ALA A 25 -14.81 3.15 14.96
N GLU A 26 -14.44 2.39 16.00
CA GLU A 26 -14.62 2.80 17.41
C GLU A 26 -13.66 3.95 17.72
N ASN A 27 -14.01 4.81 18.67
CA ASN A 27 -13.34 6.12 18.92
C ASN A 27 -11.99 5.92 19.62
N ASP A 28 -11.81 4.81 20.34
CA ASP A 28 -10.59 4.52 21.14
C ASP A 28 -10.04 3.14 20.77
N VAL A 29 -9.26 3.10 19.70
CA VAL A 29 -8.52 1.89 19.25
C VAL A 29 -7.15 1.91 19.91
N PRO A 30 -6.74 0.80 20.59
CA PRO A 30 -5.49 0.78 21.34
C PRO A 30 -4.25 0.71 20.45
N LEU A 31 -3.13 1.24 20.93
CA LEU A 31 -1.81 1.13 20.25
C LEU A 31 -1.44 -0.35 20.12
N GLY A 32 -1.02 -0.75 18.91
CA GLY A 32 -0.41 -2.06 18.65
C GLY A 32 1.01 -2.09 19.18
N ASN A 33 1.17 -2.52 20.43
CA ASN A 33 2.47 -2.60 21.13
C ASN A 33 3.32 -3.72 20.51
N ASP A 34 2.70 -4.70 19.86
CA ASP A 34 3.36 -5.91 19.32
C ASP A 34 3.67 -5.76 17.81
N VAL A 35 3.49 -4.57 17.23
CA VAL A 35 3.92 -4.29 15.83
C VAL A 35 5.44 -4.39 15.78
N PRO A 36 6.03 -5.36 15.03
CA PRO A 36 7.48 -5.49 14.97
C PRO A 36 8.14 -4.23 14.38
N ILE A 37 9.19 -3.74 15.04
CA ILE A 37 10.05 -2.63 14.53
C ILE A 37 11.44 -3.24 14.29
N ILE A 38 11.85 -3.34 13.02
CA ILE A 38 13.02 -4.17 12.63
C ILE A 38 14.16 -3.25 12.18
N ASP A 39 15.26 -3.30 12.93
CA ASP A 39 16.50 -2.53 12.67
C ASP A 39 17.28 -3.25 11.57
N LEU A 40 17.39 -2.66 10.38
CA LEU A 40 18.02 -3.33 9.20
C LEU A 40 19.56 -3.23 9.28
N GLN A 41 20.11 -2.57 10.29
CA GLN A 41 21.59 -2.49 10.52
C GLN A 41 22.04 -3.54 11.54
N GLN A 42 21.15 -4.47 11.94
CA GLN A 42 21.55 -5.67 12.73
C GLN A 42 22.31 -6.64 11.80
N ASP A 43 22.90 -7.68 12.38
CA ASP A 43 23.61 -8.74 11.59
C ASP A 43 22.63 -9.31 10.57
N HIS A 44 23.13 -9.63 9.37
CA HIS A 44 22.32 -10.11 8.22
C HIS A 44 21.32 -11.18 8.67
N LEU A 45 21.79 -12.27 9.31
CA LEU A 45 20.90 -13.41 9.64
C LEU A 45 19.81 -12.97 10.62
N VAL A 46 20.12 -12.06 11.56
CA VAL A 46 19.14 -11.56 12.56
C VAL A 46 18.01 -10.84 11.80
N VAL A 47 18.36 -9.99 10.84
CA VAL A 47 17.40 -9.24 9.98
C VAL A 47 16.51 -10.25 9.25
N VAL A 48 17.10 -11.25 8.59
CA VAL A 48 16.34 -12.29 7.83
C VAL A 48 15.34 -12.96 8.78
N GLN A 49 15.79 -13.36 9.97
CA GLN A 49 14.96 -14.12 10.94
C GLN A 49 13.82 -13.24 11.46
N GLN A 50 14.11 -11.99 11.84
CA GLN A 50 13.10 -11.04 12.39
C GLN A 50 12.06 -10.70 11.31
N ILE A 51 12.50 -10.42 10.08
CA ILE A 51 11.56 -10.15 8.95
C ILE A 51 10.69 -11.39 8.72
N THR A 52 11.30 -12.58 8.68
CA THR A 52 10.57 -13.85 8.46
C THR A 52 9.48 -14.03 9.52
N LYS A 53 9.80 -13.85 10.81
CA LYS A 53 8.84 -14.02 11.93
C LYS A 53 7.70 -13.00 11.77
N ALA A 54 8.00 -11.75 11.42
CA ALA A 54 7.00 -10.69 11.23
C ALA A 54 6.07 -11.06 10.07
N CYS A 55 6.62 -11.61 8.98
CA CYS A 55 5.85 -11.99 7.76
C CYS A 55 4.92 -13.17 8.07
N GLN A 56 5.37 -14.12 8.89
CA GLN A 56 4.61 -15.34 9.24
C GLN A 56 3.44 -15.00 10.18
N ASP A 57 3.64 -14.08 11.12
CA ASP A 57 2.77 -13.92 12.32
C ASP A 57 1.93 -12.64 12.25
N PHE A 58 2.32 -11.65 11.44
CA PHE A 58 1.77 -10.28 11.51
C PHE A 58 1.41 -9.76 10.10
N GLY A 59 2.33 -9.83 9.14
CA GLY A 59 2.16 -9.32 7.77
C GLY A 59 2.33 -7.80 7.69
N LEU A 60 2.52 -7.13 8.83
CA LEU A 60 2.79 -5.67 8.93
C LEU A 60 3.93 -5.47 9.93
N PHE A 61 4.98 -4.78 9.53
CA PHE A 61 6.12 -4.44 10.41
C PHE A 61 6.69 -3.09 9.98
N GLN A 62 7.47 -2.44 10.84
CA GLN A 62 8.19 -1.20 10.47
C GLN A 62 9.67 -1.55 10.31
N VAL A 63 10.35 -0.84 9.41
CA VAL A 63 11.83 -0.93 9.25
C VAL A 63 12.45 0.41 9.64
N ILE A 64 13.53 0.36 10.41
CA ILE A 64 14.34 1.55 10.82
C ILE A 64 15.81 1.28 10.43
N ASN A 65 16.61 2.34 10.39
CA ASN A 65 18.03 2.28 9.94
C ASN A 65 18.07 1.54 8.60
N HIS A 66 17.17 1.91 7.70
CA HIS A 66 16.85 1.17 6.45
C HIS A 66 17.71 1.65 5.27
N GLY A 67 18.57 2.65 5.48
CA GLY A 67 19.55 3.11 4.48
C GLY A 67 19.00 4.16 3.52
N LEU A 68 17.69 4.45 3.58
CA LEU A 68 17.06 5.51 2.73
C LEU A 68 17.22 6.84 3.45
N PRO A 69 17.77 7.88 2.78
CA PRO A 69 18.12 9.13 3.46
C PRO A 69 16.91 9.78 4.15
N GLU A 70 17.03 10.07 5.45
CA GLU A 70 15.99 10.78 6.26
C GLU A 70 15.68 12.14 5.63
N LYS A 71 16.69 12.85 5.12
CA LYS A 71 16.51 14.18 4.47
C LYS A 71 15.56 14.03 3.26
N LEU A 72 15.76 12.99 2.44
CA LEU A 72 14.93 12.72 1.25
C LEU A 72 13.50 12.37 1.67
N MET A 73 13.33 11.62 2.76
CA MET A 73 11.98 11.29 3.28
C MET A 73 11.25 12.59 3.66
N ALA A 74 11.94 13.51 4.32
CA ALA A 74 11.40 14.82 4.75
C ALA A 74 11.05 15.67 3.52
N GLU A 75 11.94 15.73 2.53
CA GLU A 75 11.77 16.54 1.29
C GLU A 75 10.58 16.00 0.49
N THR A 76 10.39 14.69 0.48
CA THR A 76 9.30 14.03 -0.28
C THR A 76 7.96 14.32 0.41
N MET A 77 7.90 14.20 1.75
CA MET A 77 6.69 14.53 2.53
C MET A 77 6.36 16.03 2.30
N ASP A 78 7.39 16.90 2.30
CA ASP A 78 7.21 18.36 2.10
C ASP A 78 6.57 18.62 0.73
N VAL A 79 7.07 18.01 -0.34
CA VAL A 79 6.61 18.34 -1.73
C VAL A 79 5.22 17.72 -1.94
N CYS A 80 4.94 16.58 -1.32
CA CYS A 80 3.59 15.93 -1.33
C CYS A 80 2.57 16.81 -0.60
N LYS A 81 2.93 17.36 0.58
CA LYS A 81 2.06 18.30 1.34
C LYS A 81 1.86 19.57 0.50
N GLU A 82 2.93 20.05 -0.14
CA GLU A 82 2.89 21.26 -1.02
C GLU A 82 1.93 21.01 -2.18
N PHE A 83 1.96 19.82 -2.79
CA PHE A 83 1.05 19.47 -3.91
C PHE A 83 -0.41 19.62 -3.46
N PHE A 84 -0.76 19.08 -2.29
CA PHE A 84 -2.18 19.07 -1.82
C PHE A 84 -2.59 20.46 -1.35
N ALA A 85 -1.63 21.37 -1.12
CA ALA A 85 -1.89 22.80 -0.79
C ALA A 85 -2.09 23.62 -2.08
N LEU A 86 -1.90 23.04 -3.26
CA LEU A 86 -2.06 23.77 -4.55
C LEU A 86 -3.51 24.24 -4.69
N PRO A 87 -3.74 25.38 -5.40
CA PRO A 87 -5.09 25.84 -5.69
C PRO A 87 -5.89 24.82 -6.50
N ALA A 88 -7.22 24.86 -6.35
CA ALA A 88 -8.20 24.05 -7.11
C ALA A 88 -7.86 24.06 -8.60
N GLU A 89 -7.56 25.24 -9.17
CA GLU A 89 -7.36 25.46 -10.63
C GLU A 89 -6.19 24.60 -11.14
N GLU A 90 -5.16 24.39 -10.30
N GLU A 90 -5.15 24.39 -10.32
CA GLU A 90 -3.96 23.58 -10.66
CA GLU A 90 -3.97 23.55 -10.69
C GLU A 90 -4.32 22.08 -10.56
C GLU A 90 -4.35 22.08 -10.59
N LYS A 91 -5.09 21.70 -9.54
CA LYS A 91 -5.48 20.28 -9.31
C LYS A 91 -6.42 19.77 -10.42
N GLU A 92 -7.19 20.66 -11.08
CA GLU A 92 -8.10 20.28 -12.19
C GLU A 92 -7.32 19.61 -13.34
N LYS A 93 -6.05 19.98 -13.53
CA LYS A 93 -5.21 19.45 -14.64
C LYS A 93 -4.99 17.94 -14.44
N LEU A 94 -5.24 17.41 -13.24
CA LEU A 94 -5.07 15.96 -12.93
C LEU A 94 -6.43 15.26 -12.79
N GLN A 95 -7.52 15.95 -13.15
CA GLN A 95 -8.89 15.39 -13.11
C GLN A 95 -9.39 15.16 -14.53
N PRO A 96 -9.31 13.92 -15.07
CA PRO A 96 -9.75 13.65 -16.44
C PRO A 96 -11.24 14.00 -16.63
N LYS A 97 -11.54 14.80 -17.66
CA LYS A 97 -12.92 15.23 -18.01
C LYS A 97 -13.59 15.91 -16.80
N GLY A 98 -12.81 16.57 -15.94
CA GLY A 98 -13.32 17.48 -14.89
C GLY A 98 -13.59 16.78 -13.56
N GLU A 99 -13.32 15.47 -13.43
CA GLU A 99 -13.53 14.77 -12.14
C GLU A 99 -12.36 13.82 -11.86
N PRO A 100 -12.14 13.46 -10.58
CA PRO A 100 -11.14 12.45 -10.23
C PRO A 100 -11.35 11.14 -11.00
N ALA A 101 -10.26 10.44 -11.31
CA ALA A 101 -10.27 9.10 -11.92
C ALA A 101 -10.68 8.08 -10.86
N LYS A 102 -11.02 6.87 -11.30
CA LYS A 102 -11.45 5.75 -10.44
C LYS A 102 -10.34 4.70 -10.42
N PHE A 103 -10.20 4.00 -9.30
CA PHE A 103 -9.34 2.79 -9.21
C PHE A 103 -10.10 1.65 -9.91
N GLU A 104 -9.85 1.54 -11.22
CA GLU A 104 -10.41 0.50 -12.11
C GLU A 104 -9.40 0.28 -13.25
N LEU A 105 -9.40 -0.91 -13.85
CA LEU A 105 -8.53 -1.24 -15.00
C LEU A 105 -9.17 -0.65 -16.27
N PRO A 106 -8.38 -0.13 -17.24
CA PRO A 106 -6.93 -0.02 -17.10
C PRO A 106 -6.50 1.06 -16.10
N LEU A 107 -5.54 0.73 -15.23
CA LEU A 107 -4.95 1.70 -14.26
C LEU A 107 -3.67 2.27 -14.88
N GLU A 108 -3.77 3.47 -15.45
CA GLU A 108 -2.68 4.11 -16.24
C GLU A 108 -1.60 4.63 -15.28
N GLN A 109 -0.37 4.77 -15.78
CA GLN A 109 0.79 5.16 -14.94
C GLN A 109 0.96 6.68 -14.93
N LYS A 110 0.31 7.42 -15.84
CA LYS A 110 0.33 8.91 -15.81
C LYS A 110 -0.33 9.37 -14.52
N ALA A 111 0.09 10.52 -13.98
CA ALA A 111 -0.44 11.11 -12.73
C ALA A 111 -1.91 11.51 -12.92
N LYS A 112 -2.75 11.09 -11.98
CA LYS A 112 -4.17 11.52 -11.87
C LYS A 112 -4.50 11.67 -10.38
N LEU A 113 -5.49 12.51 -10.09
CA LEU A 113 -6.18 12.52 -8.77
C LEU A 113 -7.35 11.53 -8.84
N TYR A 114 -7.52 10.76 -7.77
CA TYR A 114 -8.46 9.61 -7.69
C TYR A 114 -9.43 9.83 -6.52
N VAL A 115 -10.67 9.39 -6.72
CA VAL A 115 -11.71 9.21 -5.68
C VAL A 115 -11.81 7.70 -5.43
N GLU A 116 -12.17 7.27 -4.22
CA GLU A 116 -12.29 5.83 -3.91
C GLU A 116 -13.44 5.60 -2.93
N GLY A 117 -14.07 4.44 -3.03
CA GLY A 117 -15.20 4.03 -2.17
C GLY A 117 -15.55 2.57 -2.34
N GLU A 118 -16.72 2.17 -1.83
CA GLU A 118 -17.27 0.80 -1.94
C GLU A 118 -18.67 0.88 -2.53
N GLN A 119 -18.99 -0.03 -3.46
CA GLN A 119 -20.33 -0.16 -4.08
C GLN A 119 -21.10 -1.28 -3.40
N GLU A 123 -25.10 -0.43 -0.29
CA GLU A 123 -24.78 0.66 0.67
C GLU A 123 -23.52 1.40 0.23
N ALA A 124 -23.54 2.00 -0.97
CA ALA A 124 -22.40 2.70 -1.60
C ALA A 124 -21.98 3.89 -0.72
N PHE A 125 -20.67 4.08 -0.53
CA PHE A 125 -20.11 5.27 0.18
C PHE A 125 -18.71 5.56 -0.34
N LEU A 126 -18.23 6.77 -0.08
CA LEU A 126 -16.90 7.25 -0.52
C LEU A 126 -15.97 7.30 0.69
N TYR A 127 -14.70 7.02 0.47
CA TYR A 127 -13.62 7.21 1.46
C TYR A 127 -13.31 8.71 1.58
N TRP A 128 -13.07 9.17 2.80
CA TRP A 128 -12.73 10.58 3.12
C TRP A 128 -11.25 10.82 2.80
N LYS A 129 -10.92 10.93 1.51
CA LYS A 129 -9.53 10.80 0.98
C LYS A 129 -9.47 11.39 -0.44
N ASP A 130 -8.41 12.16 -0.72
CA ASP A 130 -7.97 12.48 -2.10
C ASP A 130 -6.64 11.75 -2.30
N THR A 131 -6.49 11.04 -3.41
CA THR A 131 -5.24 10.28 -3.73
C THR A 131 -4.65 10.79 -5.05
N LEU A 132 -3.38 11.19 -5.02
CA LEU A 132 -2.54 11.39 -6.23
C LEU A 132 -1.85 10.05 -6.49
N ALA A 133 -1.96 9.50 -7.69
CA ALA A 133 -1.27 8.23 -8.03
C ALA A 133 -0.59 8.36 -9.39
N HIS A 134 0.59 7.75 -9.51
CA HIS A 134 1.33 7.60 -10.78
C HIS A 134 2.27 6.40 -10.66
N GLY A 135 2.66 5.84 -11.80
CA GLY A 135 3.73 4.83 -11.90
C GLY A 135 5.08 5.46 -11.67
N CYS A 136 6.08 4.66 -11.33
CA CYS A 136 7.44 5.13 -10.98
C CYS A 136 8.53 4.28 -11.63
N HIS A 137 8.19 3.18 -12.31
CA HIS A 137 9.18 2.17 -12.78
C HIS A 137 8.77 1.55 -14.12
N PRO A 138 9.68 1.54 -15.12
CA PRO A 138 10.97 2.20 -15.05
C PRO A 138 10.83 3.71 -15.24
N LEU A 139 11.74 4.50 -14.66
CA LEU A 139 11.77 5.97 -14.83
C LEU A 139 12.29 6.27 -16.24
N ASP A 140 11.51 7.00 -17.03
CA ASP A 140 11.93 7.57 -18.33
C ASP A 140 11.26 8.93 -18.50
N GLU A 141 11.65 9.68 -19.53
CA GLU A 141 11.20 11.09 -19.75
C GLU A 141 9.68 11.11 -19.88
N GLU A 142 9.09 10.15 -20.62
CA GLU A 142 7.63 10.08 -20.92
C GLU A 142 6.85 9.95 -19.61
N LEU A 143 7.27 9.06 -18.73
CA LEU A 143 6.58 8.82 -17.43
C LEU A 143 6.68 10.07 -16.56
N VAL A 144 7.90 10.61 -16.38
CA VAL A 144 8.14 11.76 -15.47
C VAL A 144 7.44 13.01 -16.03
N ASN A 145 7.38 13.15 -17.37
CA ASN A 145 6.66 14.26 -18.04
C ASN A 145 5.15 14.16 -17.80
N SER A 146 4.64 13.00 -17.37
CA SER A 146 3.20 12.77 -17.07
C SER A 146 2.93 13.02 -15.58
N TRP A 147 3.96 13.28 -14.78
CA TRP A 147 3.82 13.62 -13.34
C TRP A 147 3.37 15.06 -13.16
N PRO A 148 2.98 15.48 -11.92
CA PRO A 148 2.59 16.86 -11.67
C PRO A 148 3.66 17.88 -12.11
N GLU A 149 3.21 18.96 -12.73
CA GLU A 149 4.06 20.11 -13.13
C GLU A 149 4.40 20.97 -11.91
N LYS A 150 3.51 21.01 -10.91
CA LYS A 150 3.69 21.78 -9.66
C LYS A 150 3.52 20.85 -8.48
N PRO A 151 4.22 21.06 -7.33
CA PRO A 151 5.28 22.06 -7.21
C PRO A 151 6.46 21.82 -8.17
N ALA A 152 7.26 22.86 -8.41
CA ALA A 152 8.37 22.85 -9.40
C ALA A 152 9.34 21.68 -9.10
N THR A 153 9.57 21.38 -7.82
CA THR A 153 10.59 20.37 -7.38
C THR A 153 9.98 18.96 -7.26
N TYR A 154 8.68 18.77 -7.52
CA TYR A 154 8.01 17.45 -7.33
C TYR A 154 8.77 16.36 -8.11
N ARG A 155 9.01 16.57 -9.40
CA ARG A 155 9.55 15.53 -10.31
C ARG A 155 10.97 15.15 -9.86
N GLU A 156 11.82 16.12 -9.51
CA GLU A 156 13.24 15.82 -9.17
C GLU A 156 13.30 15.11 -7.81
N VAL A 157 12.49 15.53 -6.84
CA VAL A 157 12.48 14.90 -5.48
C VAL A 157 11.88 13.48 -5.57
N VAL A 158 10.72 13.35 -6.22
CA VAL A 158 9.97 12.06 -6.24
C VAL A 158 10.70 11.04 -7.13
N ALA A 159 11.42 11.48 -8.17
CA ALA A 159 12.25 10.58 -9.00
C ALA A 159 13.31 9.91 -8.11
N LYS A 160 14.02 10.70 -7.29
CA LYS A 160 15.07 10.18 -6.35
C LYS A 160 14.42 9.28 -5.30
N TYR A 161 13.29 9.71 -4.73
CA TYR A 161 12.51 8.94 -3.71
C TYR A 161 12.11 7.58 -4.28
N SER A 162 11.54 7.56 -5.49
CA SER A 162 11.03 6.32 -6.14
CA SER A 162 11.01 6.30 -6.09
C SER A 162 12.15 5.29 -6.28
N VAL A 163 13.33 5.75 -6.72
CA VAL A 163 14.50 4.84 -6.94
C VAL A 163 14.96 4.29 -5.60
N GLU A 164 15.04 5.14 -4.57
CA GLU A 164 15.48 4.77 -3.19
C GLU A 164 14.47 3.81 -2.56
N VAL A 165 13.17 4.09 -2.70
CA VAL A 165 12.13 3.19 -2.09
C VAL A 165 12.16 1.84 -2.79
N ARG A 166 12.34 1.82 -4.12
CA ARG A 166 12.41 0.55 -4.88
C ARG A 166 13.62 -0.26 -4.39
N LYS A 167 14.77 0.38 -4.21
CA LYS A 167 16.02 -0.30 -3.78
C LYS A 167 15.76 -0.98 -2.43
N LEU A 168 15.14 -0.25 -1.49
CA LEU A 168 14.81 -0.76 -0.13
C LEU A 168 13.80 -1.93 -0.23
N THR A 169 12.78 -1.81 -1.08
CA THR A 169 11.75 -2.85 -1.26
C THR A 169 12.40 -4.12 -1.79
N MET A 170 13.31 -4.00 -2.76
CA MET A 170 13.99 -5.19 -3.36
C MET A 170 14.92 -5.84 -2.31
N ARG A 171 15.59 -5.05 -1.45
CA ARG A 171 16.39 -5.55 -0.30
C ARG A 171 15.47 -6.39 0.60
N ILE A 172 14.30 -5.85 0.93
CA ILE A 172 13.32 -6.54 1.83
C ILE A 172 12.82 -7.82 1.13
N LEU A 173 12.56 -7.79 -0.17
CA LEU A 173 12.08 -9.00 -0.90
C LEU A 173 13.18 -10.08 -0.89
N ASP A 174 14.46 -9.70 -0.90
CA ASP A 174 15.58 -10.70 -0.86
C ASP A 174 15.74 -11.25 0.57
N TYR A 175 15.50 -10.45 1.61
CA TYR A 175 15.41 -10.99 2.99
C TYR A 175 14.30 -12.04 3.02
N ILE A 176 13.15 -11.72 2.40
CA ILE A 176 11.96 -12.61 2.35
C ILE A 176 12.34 -13.90 1.61
N CYS A 177 13.05 -13.80 0.49
CA CYS A 177 13.52 -14.96 -0.32
C CYS A 177 14.33 -15.91 0.58
N GLU A 178 15.32 -15.38 1.29
CA GLU A 178 16.21 -16.17 2.17
C GLU A 178 15.39 -16.86 3.28
N GLY A 179 14.42 -16.16 3.87
CA GLY A 179 13.52 -16.70 4.91
C GLY A 179 12.66 -17.84 4.40
N LEU A 180 12.21 -17.80 3.13
CA LEU A 180 11.31 -18.82 2.51
C LEU A 180 12.12 -19.99 1.92
N GLY A 181 13.41 -19.78 1.64
CA GLY A 181 14.27 -20.73 0.92
C GLY A 181 14.10 -20.63 -0.59
N LEU A 182 13.70 -19.46 -1.10
CA LEU A 182 13.66 -19.15 -2.55
C LEU A 182 15.01 -18.52 -2.94
N LYS A 183 15.46 -18.74 -4.18
CA LYS A 183 16.69 -18.12 -4.73
C LYS A 183 16.56 -16.59 -4.61
N LEU A 184 17.64 -15.90 -4.26
CA LEU A 184 17.70 -14.42 -4.26
C LEU A 184 17.26 -13.92 -5.65
N GLY A 185 16.49 -12.83 -5.68
CA GLY A 185 16.00 -12.20 -6.93
C GLY A 185 14.74 -12.86 -7.48
N TYR A 186 14.10 -13.75 -6.71
CA TYR A 186 12.86 -14.47 -7.12
C TYR A 186 11.78 -13.48 -7.58
N PHE A 187 11.72 -12.29 -6.97
CA PHE A 187 10.68 -11.27 -7.25
C PHE A 187 11.24 -10.12 -8.10
N ASP A 188 12.52 -10.18 -8.49
CA ASP A 188 13.21 -9.14 -9.30
C ASP A 188 12.90 -9.42 -10.78
N ASN A 189 11.64 -9.29 -11.17
CA ASN A 189 11.12 -9.70 -12.49
C ASN A 189 9.72 -9.10 -12.67
N GLU A 190 8.88 -9.73 -13.49
CA GLU A 190 7.51 -9.29 -13.82
C GLU A 190 6.68 -9.09 -12.53
N LEU A 191 7.02 -9.80 -11.44
CA LEU A 191 6.23 -9.78 -10.18
C LEU A 191 6.40 -8.45 -9.42
N SER A 192 7.36 -7.61 -9.79
CA SER A 192 7.63 -6.30 -9.13
C SER A 192 7.72 -5.16 -10.16
N GLN A 193 7.24 -5.35 -11.38
CA GLN A 193 7.53 -4.41 -12.49
C GLN A 193 6.65 -3.16 -12.40
N ILE A 194 5.53 -3.21 -11.68
CA ILE A 194 4.65 -2.01 -11.48
C ILE A 194 4.96 -1.41 -10.10
N GLN A 195 5.25 -0.11 -10.07
CA GLN A 195 5.49 0.69 -8.85
C GLN A 195 4.56 1.91 -8.87
N MET A 196 3.43 1.79 -8.19
CA MET A 196 2.42 2.88 -8.08
C MET A 196 2.70 3.64 -6.79
N MET A 197 2.97 4.93 -6.88
CA MET A 197 3.10 5.81 -5.70
C MET A 197 1.76 6.51 -5.49
N LEU A 198 1.12 6.22 -4.35
CA LEU A 198 -0.16 6.82 -3.93
C LEU A 198 0.16 7.80 -2.79
N THR A 199 -0.01 9.10 -3.05
CA THR A 199 0.05 10.15 -2.01
C THR A 199 -1.40 10.40 -1.59
N ASN A 200 -1.71 10.07 -0.34
CA ASN A 200 -3.07 10.14 0.23
C ASN A 200 -3.20 11.38 1.09
N TYR A 201 -4.22 12.18 0.85
CA TYR A 201 -4.56 13.41 1.61
C TYR A 201 -5.89 13.19 2.31
N TYR A 202 -5.88 13.29 3.64
CA TYR A 202 -7.06 13.17 4.54
C TYR A 202 -7.31 14.52 5.17
N PRO A 203 -8.26 15.33 4.65
CA PRO A 203 -8.56 16.61 5.28
C PRO A 203 -9.32 16.36 6.58
N PRO A 204 -9.40 17.37 7.49
CA PRO A 204 -10.16 17.21 8.72
C PRO A 204 -11.61 16.80 8.41
N CYS A 205 -12.19 15.95 9.25
CA CYS A 205 -13.55 15.40 9.08
C CYS A 205 -14.43 15.81 10.26
N PRO A 206 -15.57 16.50 10.02
CA PRO A 206 -16.47 16.90 11.10
C PRO A 206 -17.14 15.75 11.87
N ASP A 207 -17.25 14.55 11.28
CA ASP A 207 -17.84 13.37 11.96
C ASP A 207 -16.97 12.14 11.71
N PRO A 208 -15.86 11.97 12.46
CA PRO A 208 -15.00 10.80 12.33
C PRO A 208 -15.68 9.46 12.69
N SER A 209 -16.73 9.49 13.51
CA SER A 209 -17.44 8.28 14.00
C SER A 209 -18.24 7.62 12.86
N SER A 210 -18.48 8.33 11.77
CA SER A 210 -19.33 7.87 10.63
C SER A 210 -18.52 7.62 9.35
N THR A 211 -17.24 8.00 9.32
CA THR A 211 -16.45 8.04 8.05
C THR A 211 -15.22 7.14 8.16
N LEU A 212 -14.62 6.81 7.02
CA LEU A 212 -13.31 6.12 6.92
C LEU A 212 -12.44 6.86 5.91
N GLY A 213 -11.19 7.16 6.27
CA GLY A 213 -10.18 7.65 5.32
C GLY A 213 -9.90 6.61 4.27
N SER A 214 -9.81 5.35 4.68
CA SER A 214 -9.57 4.19 3.80
C SER A 214 -10.23 2.96 4.43
N GLY A 215 -11.14 2.30 3.71
CA GLY A 215 -11.79 1.07 4.19
C GLY A 215 -10.77 -0.02 4.44
N GLY A 216 -11.07 -0.95 5.34
CA GLY A 216 -10.24 -2.14 5.60
C GLY A 216 -9.93 -2.86 4.30
N HIS A 217 -8.66 -3.17 4.05
CA HIS A 217 -8.19 -3.85 2.82
C HIS A 217 -6.86 -4.55 3.06
N TYR A 218 -6.65 -5.64 2.34
CA TYR A 218 -5.30 -6.06 1.89
C TYR A 218 -4.89 -5.15 0.74
N ASP A 219 -3.60 -4.80 0.66
CA ASP A 219 -3.01 -4.29 -0.60
C ASP A 219 -3.03 -5.47 -1.58
N GLY A 220 -3.55 -5.27 -2.80
CA GLY A 220 -3.73 -6.37 -3.76
C GLY A 220 -2.43 -6.80 -4.39
N ASN A 221 -1.42 -5.93 -4.33
CA ASN A 221 -0.10 -6.09 -4.99
C ASN A 221 0.79 -7.02 -4.16
N LEU A 222 2.11 -6.99 -4.40
CA LEU A 222 3.08 -7.90 -3.76
C LEU A 222 3.43 -7.36 -2.38
N ILE A 223 3.94 -6.13 -2.33
CA ILE A 223 4.48 -5.51 -1.09
C ILE A 223 4.36 -4.00 -1.22
N THR A 224 4.06 -3.34 -0.10
CA THR A 224 3.88 -1.87 -0.04
C THR A 224 4.78 -1.30 1.06
N LEU A 225 5.48 -0.20 0.77
CA LEU A 225 6.20 0.60 1.79
C LEU A 225 5.45 1.92 1.99
N LEU A 226 5.11 2.22 3.23
CA LEU A 226 4.22 3.35 3.59
C LEU A 226 4.97 4.30 4.51
N GLN A 227 4.98 5.59 4.16
CA GLN A 227 5.59 6.66 4.98
C GLN A 227 4.47 7.50 5.60
N GLN A 228 4.48 7.65 6.92
CA GLN A 228 3.49 8.45 7.68
C GLN A 228 4.20 9.22 8.79
N ASN A 229 3.65 10.36 9.20
CA ASN A 229 4.17 11.11 10.36
C ASN A 229 3.05 11.42 11.37
N LEU A 230 1.81 11.04 11.11
CA LEU A 230 0.66 11.31 12.01
C LEU A 230 -0.19 10.05 12.19
N PRO A 231 -0.89 9.88 13.33
CA PRO A 231 -1.76 8.73 13.55
C PRO A 231 -2.93 8.65 12.56
N GLY A 232 -3.51 7.46 12.43
CA GLY A 232 -4.68 7.19 11.56
C GLY A 232 -4.67 5.79 10.99
N LEU A 233 -3.49 5.19 10.83
CA LEU A 233 -3.36 3.81 10.28
C LEU A 233 -3.69 2.79 11.38
N GLN A 234 -4.55 1.83 11.05
CA GLN A 234 -5.01 0.77 11.97
C GLN A 234 -4.90 -0.58 11.25
N GLN A 235 -4.57 -1.62 12.00
CA GLN A 235 -4.42 -3.00 11.48
C GLN A 235 -5.47 -3.89 12.14
N LEU A 236 -6.04 -4.82 11.36
CA LEU A 236 -6.93 -5.89 11.87
C LEU A 236 -6.09 -7.09 12.30
N ILE A 237 -6.17 -7.50 13.57
CA ILE A 237 -5.47 -8.70 14.10
C ILE A 237 -6.53 -9.70 14.60
N GLU A 238 -6.12 -10.85 15.14
CA GLU A 238 -7.01 -11.98 15.53
C GLU A 238 -8.23 -11.47 16.33
N ASP A 239 -9.37 -12.14 16.19
CA ASP A 239 -10.63 -11.93 16.97
C ASP A 239 -11.29 -10.60 16.57
N ALA A 240 -11.08 -10.15 15.32
CA ALA A 240 -11.64 -8.90 14.76
C ALA A 240 -11.27 -7.71 15.67
N LYS A 241 -10.05 -7.70 16.21
CA LYS A 241 -9.49 -6.57 17.00
C LYS A 241 -8.74 -5.64 16.05
N TRP A 242 -9.03 -4.34 16.09
CA TRP A 242 -8.23 -3.32 15.38
C TRP A 242 -7.22 -2.73 16.36
N ILE A 243 -5.99 -2.49 15.90
CA ILE A 243 -4.93 -1.80 16.69
C ILE A 243 -4.42 -0.61 15.88
N ALA A 244 -3.91 0.41 16.56
CA ALA A 244 -3.30 1.62 15.95
C ALA A 244 -1.82 1.35 15.69
N VAL A 245 -1.35 1.70 14.49
CA VAL A 245 0.08 1.58 14.09
C VAL A 245 0.76 2.92 14.39
N GLU A 246 1.61 2.93 15.42
CA GLU A 246 2.41 4.11 15.88
C GLU A 246 3.11 4.74 14.68
N PRO A 247 2.87 6.03 14.35
CA PRO A 247 3.66 6.72 13.34
C PRO A 247 5.10 6.97 13.81
N ILE A 248 6.07 6.47 13.05
CA ILE A 248 7.52 6.79 13.19
C ILE A 248 7.93 7.51 11.92
N PRO A 249 8.06 8.86 11.95
CA PRO A 249 8.29 9.64 10.73
C PRO A 249 9.48 9.20 9.86
N THR A 250 10.52 8.58 10.45
CA THR A 250 11.76 8.19 9.73
C THR A 250 11.74 6.69 9.37
N ALA A 251 10.67 5.97 9.69
CA ALA A 251 10.50 4.53 9.39
C ALA A 251 9.64 4.35 8.13
N PHE A 252 9.68 3.15 7.57
CA PHE A 252 8.66 2.67 6.59
C PHE A 252 7.83 1.58 7.26
N VAL A 253 6.52 1.67 7.10
CA VAL A 253 5.58 0.55 7.37
C VAL A 253 5.64 -0.37 6.16
N VAL A 254 5.89 -1.65 6.38
CA VAL A 254 5.85 -2.69 5.30
C VAL A 254 4.53 -3.44 5.45
N ASN A 255 3.69 -3.37 4.41
CA ASN A 255 2.42 -4.13 4.29
C ASN A 255 2.62 -5.22 3.24
N LEU A 256 2.60 -6.49 3.65
CA LEU A 256 2.64 -7.64 2.72
C LEU A 256 1.31 -7.70 1.98
N GLY A 257 1.35 -7.85 0.66
CA GLY A 257 0.15 -7.84 -0.18
C GLY A 257 -0.50 -9.22 -0.32
N LEU A 258 -1.75 -9.22 -0.81
CA LEU A 258 -2.54 -10.44 -1.10
C LEU A 258 -1.75 -11.30 -2.11
N THR A 259 -1.04 -10.69 -3.05
CA THR A 259 -0.24 -11.43 -4.07
C THR A 259 0.86 -12.25 -3.36
N LEU A 260 1.53 -11.68 -2.35
CA LEU A 260 2.61 -12.39 -1.62
C LEU A 260 1.98 -13.50 -0.74
N LYS A 261 0.81 -13.26 -0.16
CA LYS A 261 0.07 -14.30 0.60
C LYS A 261 -0.17 -15.52 -0.30
N VAL A 262 -0.58 -15.30 -1.55
CA VAL A 262 -0.85 -16.39 -2.52
C VAL A 262 0.47 -17.09 -2.89
N ILE A 263 1.50 -16.32 -3.28
CA ILE A 263 2.78 -16.91 -3.78
C ILE A 263 3.45 -17.73 -2.66
N THR A 264 3.35 -17.31 -1.40
CA THR A 264 3.95 -18.05 -0.25
C THR A 264 3.01 -19.18 0.23
N ASN A 265 1.88 -19.38 -0.46
CA ASN A 265 0.86 -20.41 -0.13
C ASN A 265 0.39 -20.20 1.32
N GLU A 266 0.21 -18.94 1.73
CA GLU A 266 -0.27 -18.51 3.06
C GLU A 266 0.73 -18.83 4.17
N LYS A 267 2.00 -19.12 3.86
CA LYS A 267 3.09 -19.21 4.87
C LYS A 267 3.31 -17.82 5.48
N PHE A 268 3.12 -16.76 4.68
CA PHE A 268 3.11 -15.35 5.15
C PHE A 268 1.67 -14.86 5.24
N GLU A 269 1.39 -13.96 6.19
CA GLU A 269 0.11 -13.22 6.33
C GLU A 269 0.16 -11.98 5.43
N GLY A 270 -0.97 -11.61 4.82
CA GLY A 270 -1.17 -10.26 4.26
C GLY A 270 -1.56 -9.31 5.39
N SER A 271 -1.24 -8.03 5.25
CA SER A 271 -1.69 -6.95 6.18
C SER A 271 -3.11 -6.51 5.80
N ILE A 272 -4.07 -6.65 6.71
CA ILE A 272 -5.42 -6.01 6.57
C ILE A 272 -5.37 -4.73 7.42
N HIS A 273 -5.55 -3.58 6.78
CA HIS A 273 -5.42 -2.26 7.46
C HIS A 273 -6.45 -1.28 6.93
N ARG A 274 -6.68 -0.22 7.70
CA ARG A 274 -7.62 0.87 7.35
C ARG A 274 -7.02 2.19 7.84
N VAL A 275 -7.63 3.30 7.44
CA VAL A 275 -7.26 4.65 7.92
C VAL A 275 -8.52 5.34 8.43
N VAL A 276 -8.44 5.90 9.63
CA VAL A 276 -9.55 6.67 10.27
C VAL A 276 -9.27 8.15 10.06
N THR A 277 -10.34 8.95 10.08
CA THR A 277 -10.30 10.42 9.89
C THR A 277 -10.02 11.10 11.23
N ASN A 278 -9.72 12.40 11.18
CA ASN A 278 -9.38 13.24 12.36
C ASN A 278 -10.23 14.50 12.28
N PRO A 279 -10.81 14.99 13.40
CA PRO A 279 -11.68 16.17 13.35
C PRO A 279 -10.95 17.51 13.21
N THR A 280 -9.67 17.60 13.58
CA THR A 280 -8.97 18.91 13.78
C THR A 280 -7.83 19.13 12.79
N ARG A 281 -7.15 18.08 12.30
CA ARG A 281 -5.92 18.25 11.48
C ARG A 281 -5.96 17.35 10.24
N ASP A 282 -5.28 17.78 9.19
CA ASP A 282 -5.12 16.98 7.96
C ASP A 282 -3.96 16.00 8.16
N ARG A 283 -3.81 15.07 7.24
CA ARG A 283 -2.76 14.02 7.27
C ARG A 283 -2.39 13.68 5.83
N VAL A 284 -1.10 13.51 5.57
CA VAL A 284 -0.61 13.03 4.25
C VAL A 284 0.20 11.76 4.50
N SER A 285 -0.06 10.72 3.71
CA SER A 285 0.74 9.48 3.71
C SER A 285 1.25 9.24 2.29
N ILE A 286 2.38 8.54 2.18
CA ILE A 286 3.01 8.18 0.88
C ILE A 286 3.14 6.66 0.85
N ALA A 287 2.39 5.99 -0.03
CA ALA A 287 2.38 4.52 -0.19
C ALA A 287 3.03 4.17 -1.52
N THR A 288 4.08 3.33 -1.50
CA THR A 288 4.72 2.77 -2.71
C THR A 288 4.25 1.31 -2.86
N LEU A 289 3.39 1.06 -3.83
CA LEU A 289 2.74 -0.25 -4.06
C LEU A 289 3.48 -0.94 -5.20
N ILE A 290 4.31 -1.92 -4.86
CA ILE A 290 5.11 -2.67 -5.86
C ILE A 290 4.43 -4.03 -6.10
N GLY A 291 4.36 -4.44 -7.35
CA GLY A 291 3.68 -5.71 -7.66
C GLY A 291 3.75 -6.05 -9.14
N PRO A 292 3.04 -7.13 -9.51
CA PRO A 292 3.09 -7.66 -10.86
C PRO A 292 2.53 -6.71 -11.92
N ASP A 293 3.01 -6.88 -13.15
CA ASP A 293 2.35 -6.38 -14.38
C ASP A 293 1.01 -7.09 -14.52
N TYR A 294 0.05 -6.46 -15.19
CA TYR A 294 -1.33 -6.98 -15.40
C TYR A 294 -1.29 -8.24 -16.26
N SER A 295 -0.19 -8.48 -16.99
CA SER A 295 0.00 -9.66 -17.89
C SER A 295 0.42 -10.90 -17.10
N CYS A 296 0.78 -10.74 -15.83
CA CYS A 296 1.37 -11.83 -14.98
C CYS A 296 0.32 -12.89 -14.64
N THR A 297 0.79 -14.14 -14.53
CA THR A 297 0.05 -15.27 -13.93
C THR A 297 0.55 -15.47 -12.50
N ILE A 298 -0.34 -15.41 -11.52
CA ILE A 298 -0.01 -15.56 -10.07
C ILE A 298 -0.37 -16.99 -9.65
N GLU A 299 0.56 -17.65 -8.95
CA GLU A 299 0.30 -18.97 -8.33
C GLU A 299 1.25 -19.17 -7.17
N PRO A 300 0.94 -20.10 -6.24
CA PRO A 300 1.88 -20.50 -5.19
C PRO A 300 3.22 -20.93 -5.81
N ALA A 301 4.34 -20.45 -5.25
CA ALA A 301 5.72 -20.79 -5.68
C ALA A 301 5.87 -22.32 -5.65
N LYS A 302 6.10 -22.94 -6.81
CA LYS A 302 6.13 -24.41 -6.97
C LYS A 302 7.28 -24.97 -6.13
N GLU A 303 8.37 -24.19 -6.00
CA GLU A 303 9.60 -24.55 -5.26
C GLU A 303 9.26 -24.95 -3.81
N LEU A 304 8.18 -24.39 -3.24
CA LEU A 304 7.78 -24.56 -1.80
C LEU A 304 6.69 -25.62 -1.66
N LEU A 305 6.05 -26.05 -2.76
CA LEU A 305 4.89 -26.97 -2.72
C LEU A 305 5.39 -28.41 -2.51
N SER A 306 4.59 -29.21 -1.80
CA SER A 306 4.82 -30.67 -1.58
C SER A 306 3.49 -31.32 -1.20
N GLN A 307 3.51 -32.63 -0.94
CA GLN A 307 2.30 -33.37 -0.47
C GLN A 307 1.89 -32.84 0.91
N ASP A 308 2.84 -32.38 1.72
CA ASP A 308 2.59 -31.79 3.06
C ASP A 308 2.11 -30.33 2.91
N ASN A 309 2.54 -29.65 1.85
CA ASN A 309 2.20 -28.22 1.57
C ASN A 309 1.56 -28.12 0.18
N PRO A 310 0.33 -28.65 -0.03
CA PRO A 310 -0.32 -28.57 -1.33
C PRO A 310 -0.78 -27.16 -1.66
N PRO A 311 -0.85 -26.77 -2.96
CA PRO A 311 -1.28 -25.41 -3.33
C PRO A 311 -2.71 -25.13 -2.86
N LEU A 312 -2.90 -23.92 -2.31
CA LEU A 312 -4.21 -23.45 -1.78
C LEU A 312 -4.88 -22.53 -2.82
N TYR A 313 -4.16 -22.18 -3.88
CA TYR A 313 -4.67 -21.38 -5.03
C TYR A 313 -4.25 -22.03 -6.34
N LYS A 314 -5.17 -22.02 -7.33
CA LYS A 314 -4.86 -22.38 -8.73
C LYS A 314 -4.25 -21.14 -9.40
N PRO A 315 -3.48 -21.30 -10.50
CA PRO A 315 -2.95 -20.14 -11.22
C PRO A 315 -4.07 -19.22 -11.72
N TYR A 316 -3.85 -17.90 -11.67
CA TYR A 316 -4.87 -16.91 -12.11
C TYR A 316 -4.19 -15.70 -12.76
N SER A 317 -4.92 -15.03 -13.65
CA SER A 317 -4.51 -13.77 -14.31
C SER A 317 -4.57 -12.63 -13.29
N TYR A 318 -3.49 -11.87 -13.14
CA TYR A 318 -3.40 -10.69 -12.24
C TYR A 318 -4.44 -9.64 -12.68
N ALA A 319 -4.64 -9.49 -14.00
CA ALA A 319 -5.63 -8.56 -14.58
C ALA A 319 -7.04 -8.95 -14.11
N GLU A 320 -7.36 -10.25 -14.17
CA GLU A 320 -8.68 -10.78 -13.78
C GLU A 320 -8.88 -10.58 -12.28
N PHE A 321 -7.87 -10.93 -11.48
CA PHE A 321 -7.83 -10.67 -10.02
C PHE A 321 -8.08 -9.18 -9.76
N GLY A 322 -7.35 -8.32 -10.47
CA GLY A 322 -7.39 -6.85 -10.28
C GLY A 322 -8.80 -6.31 -10.42
N GLU A 323 -9.55 -6.76 -11.43
CA GLU A 323 -10.94 -6.29 -11.69
C GLU A 323 -11.81 -6.61 -10.47
N ILE A 324 -11.69 -7.81 -9.91
CA ILE A 324 -12.50 -8.26 -8.74
C ILE A 324 -12.06 -7.47 -7.49
N TYR A 325 -10.75 -7.41 -7.25
CA TYR A 325 -10.14 -6.74 -6.08
C TYR A 325 -10.64 -5.29 -5.98
N LEU A 326 -10.73 -4.60 -7.12
CA LEU A 326 -11.07 -3.14 -7.16
C LEU A 326 -12.59 -2.93 -7.07
N SER A 327 -13.42 -3.92 -7.37
CA SER A 327 -14.90 -3.76 -7.47
C SER A 327 -15.62 -4.45 -6.30
N ASP A 328 -15.19 -5.65 -5.90
CA ASP A 328 -15.89 -6.51 -4.91
C ASP A 328 -15.24 -6.34 -3.53
N LYS A 329 -15.90 -5.61 -2.61
CA LYS A 329 -15.42 -5.33 -1.23
C LYS A 329 -16.24 -6.12 -0.20
N SER A 330 -16.91 -7.20 -0.62
CA SER A 330 -17.80 -8.02 0.25
C SER A 330 -16.97 -8.79 1.29
N ASP A 331 -15.73 -9.14 0.94
CA ASP A 331 -14.72 -9.73 1.86
C ASP A 331 -13.33 -9.22 1.47
N TYR A 332 -12.42 -9.16 2.45
CA TYR A 332 -11.02 -8.68 2.25
C TYR A 332 -10.36 -9.47 1.11
N ASP A 333 -10.60 -10.77 1.01
CA ASP A 333 -9.92 -11.62 0.00
C ASP A 333 -10.88 -12.02 -1.13
N ALA A 334 -11.96 -11.27 -1.37
CA ALA A 334 -12.91 -11.49 -2.49
C ALA A 334 -12.13 -11.67 -3.81
N GLY A 335 -11.03 -10.94 -3.98
CA GLY A 335 -10.17 -10.99 -5.19
C GLY A 335 -9.64 -12.38 -5.49
N VAL A 336 -9.34 -13.19 -4.47
CA VAL A 336 -8.66 -14.51 -4.66
C VAL A 336 -9.64 -15.67 -4.38
N LYS A 337 -10.84 -15.39 -3.88
CA LYS A 337 -11.84 -16.44 -3.51
C LYS A 337 -12.12 -17.36 -4.69
N PRO A 338 -12.32 -16.84 -5.94
CA PRO A 338 -12.57 -17.71 -7.09
C PRO A 338 -11.47 -18.73 -7.38
N TYR A 339 -10.24 -18.51 -6.89
CA TYR A 339 -9.03 -19.31 -7.25
C TYR A 339 -8.61 -20.25 -6.12
N LYS A 340 -9.36 -20.27 -5.00
CA LYS A 340 -9.03 -21.14 -3.83
C LYS A 340 -9.28 -22.60 -4.18
N ILE A 341 -8.36 -23.48 -3.79
CA ILE A 341 -8.46 -24.97 -3.96
C ILE A 341 -7.96 -25.64 -2.67
N ASN A 342 -8.18 -26.95 -2.52
CA ASN A 342 -7.66 -27.80 -1.42
C ASN A 342 -8.00 -27.16 -0.07
C1 EDO B . -0.31 19.67 -11.46
O1 EDO B . 0.68 20.67 -11.31
C2 EDO B . -0.66 19.38 -12.88
O2 EDO B . 0.38 18.72 -13.58
C1 SIN C . -2.27 5.62 5.03
O1 SIN C . -1.74 5.25 6.10
O2 SIN C . -2.80 6.73 4.86
C2 SIN C . -2.27 4.67 3.85
C3 SIN C . -2.58 3.27 4.17
C4 SIN C . -2.48 2.36 2.95
O3 SIN C . -3.38 1.53 2.78
O4 SIN C . -1.52 2.53 2.17
C FMT D . 9.25 20.14 7.36
O1 FMT D . 9.16 18.95 7.24
O2 FMT D . 9.77 20.94 6.47
C FMT E . 22.87 -6.35 7.40
O1 FMT E . 21.80 -6.54 6.84
O2 FMT E . 23.19 -5.26 8.04
C FMT F . -10.85 -2.09 18.58
O1 FMT F . -10.85 -3.29 18.39
O2 FMT F . -11.80 -1.28 18.19
C FMT G . 14.30 10.32 -15.10
O1 FMT G . 14.27 10.97 -14.09
O2 FMT G . 13.88 10.73 -16.27
C FMT H . -12.87 14.77 1.31
O1 FMT H . -12.06 14.36 0.50
O2 FMT H . -13.67 15.79 1.10
C FMT I . 15.20 4.99 10.17
O1 FMT I . 15.84 5.23 9.16
O2 FMT I . 15.69 4.90 11.37
C1 OVR J . -5.96 1.99 -2.82
C2 OVR J . -6.24 1.78 -4.30
C3 OVR J . -6.47 0.33 -4.67
C4 OVR J . -7.12 -0.49 -3.58
C5 OVR J . -6.65 -0.09 -2.19
C6 OVR J . -5.14 -0.12 -1.98
N1 OVR J . -7.01 1.32 -2.00
C7 OVR J . -4.68 1.31 -2.34
O1 OVR J . -4.16 1.99 -1.21
C8 OVR J . -7.10 1.74 -0.59
O2 OVR J . -5.18 -0.30 -4.97
C9 OVR J . -4.68 -0.13 -6.21
C10 OVR J . -3.42 -0.96 -6.40
C11 OVR J . -3.78 -2.29 -7.05
C12 OVR J . -3.29 -3.49 -6.52
C13 OVR J . -3.61 -4.70 -7.11
C14 OVR J . -4.42 -4.74 -8.23
C15 OVR J . -4.91 -3.57 -8.76
C16 OVR J . -4.60 -2.36 -8.17
C17 OVR J . -2.37 -0.19 -7.18
O3 OVR J . -1.27 -1.04 -7.50
O4 OVR J . -5.19 0.55 -7.05
C FMT K . 4.68 -16.96 -9.36
O1 FMT K . 4.90 -17.89 -8.60
O2 FMT K . 3.50 -16.61 -9.80
C1 EDO L . 7.37 -4.30 21.64
O1 EDO L . 7.03 -3.08 21.04
C2 EDO L . 6.48 -4.68 22.77
O2 EDO L . 5.68 -5.82 22.50
C FMT M . -24.45 5.66 2.14
O1 FMT M . -23.56 6.44 2.38
O2 FMT M . -24.90 5.38 0.94
C1 EDO N . -14.84 -0.90 14.36
O1 EDO N . -14.93 -1.65 13.17
C2 EDO N . -13.92 -1.42 15.39
O2 EDO N . -12.92 -0.47 15.74
V V O . -2.97 -0.27 1.91
O O P . -2.66 0.73 0.07
SR SR Q . -13.51 19.20 -10.93
SR SR R . 2.72 16.45 -19.25
#